data_7MFS
#
_entry.id   7MFS
#
_cell.length_a   43.928
_cell.length_b   76.474
_cell.length_c   174.207
_cell.angle_alpha   90.000
_cell.angle_beta   90.000
_cell.angle_gamma   90.000
#
_symmetry.space_group_name_H-M   'P 2 21 21'
#
loop_
_entity.id
_entity.type
_entity.pdbx_description
1 polymer 'N-acetylmannosamine-6-phosphate 2-epimerase'
2 non-polymer 'CHLORIDE ION'
3 non-polymer N-acetylmannosamine-6-phosphate
4 non-polymer N-acetyl-D-glucosamine-6-phosphate
5 water water
#
_entity_poly.entity_id   1
_entity_poly.type   'polypeptide(L)'
_entity_poly.pdbx_seq_one_letter_code
;MLPHGLIVSCQALPDEPLHSSFIMSKMALAAYEGGAVGIRANTKEDILAIKETVDLPVIGIVKRDYDHSDVFITATSKEV
DELIESQCEVIALDATLQQRPKETLDELVSYIRTHAPNVEIMADIATVEEAKNAARLGFDYIGTTLHGYTSYTQGQLLYQ
NDFQFLKDVLQSVDAKVIAEGNVITPDMYKRVMDLGVHCSVVGGAITRPKEITKRFVQIMED
;
_entity_poly.pdbx_strand_id   BBB,AAA
#
# COMPACT_ATOMS: atom_id res chain seq x y z
N MET A 1 20.55 17.28 6.79
CA MET A 1 20.95 15.92 6.29
C MET A 1 19.82 14.91 6.50
N LEU A 2 19.89 13.78 5.80
CA LEU A 2 18.85 12.73 5.92
C LEU A 2 19.07 11.99 7.23
N PRO A 3 18.06 11.77 8.09
CA PRO A 3 18.30 10.94 9.26
C PRO A 3 18.52 9.46 8.92
N HIS A 4 18.84 8.67 9.96
N HIS A 4 19.03 8.72 9.89
CA HIS A 4 18.94 7.19 9.91
CA HIS A 4 18.97 7.25 9.90
C HIS A 4 17.59 6.54 10.18
C HIS A 4 17.47 6.93 9.94
N GLY A 5 17.02 5.98 9.13
CA GLY A 5 15.69 5.37 9.22
C GLY A 5 15.11 5.14 7.84
N LEU A 6 13.81 5.24 7.80
CA LEU A 6 13.00 4.82 6.64
C LEU A 6 12.62 6.06 5.85
N ILE A 7 13.06 6.11 4.61
CA ILE A 7 12.59 7.10 3.61
CA ILE A 7 12.56 7.10 3.63
C ILE A 7 11.52 6.41 2.76
N VAL A 8 10.36 7.00 2.59
CA VAL A 8 9.33 6.38 1.73
C VAL A 8 9.29 7.11 0.40
N SER A 9 9.38 6.34 -0.66
CA SER A 9 9.30 6.84 -2.04
C SER A 9 7.83 6.90 -2.44
N CYS A 10 7.33 8.10 -2.73
CA CYS A 10 5.93 8.46 -3.02
C CYS A 10 5.85 8.85 -4.50
N GLN A 11 5.89 7.83 -5.37
CA GLN A 11 5.97 8.01 -6.84
C GLN A 11 4.78 7.31 -7.53
N ALA A 12 4.26 7.91 -8.59
CA ALA A 12 3.24 7.31 -9.47
C ALA A 12 3.35 7.99 -10.83
N LEU A 13 3.90 7.28 -11.80
CA LEU A 13 4.25 7.83 -13.14
C LEU A 13 2.96 7.99 -13.93
N PRO A 14 2.99 8.68 -15.07
CA PRO A 14 1.75 9.02 -15.78
C PRO A 14 0.86 7.82 -16.17
N ASP A 15 1.44 6.64 -16.35
CA ASP A 15 0.74 5.39 -16.73
CA ASP A 15 0.66 5.44 -16.75
C ASP A 15 0.05 4.74 -15.52
N GLU A 16 0.37 5.18 -14.32
CA GLU A 16 -0.08 4.49 -13.09
C GLU A 16 -1.39 5.13 -12.62
N PRO A 17 -2.38 4.33 -12.16
CA PRO A 17 -3.64 4.88 -11.66
C PRO A 17 -3.53 5.97 -10.56
N LEU A 18 -2.52 5.91 -9.70
N LEU A 18 -2.50 5.90 -9.72
CA LEU A 18 -2.39 6.90 -8.60
CA LEU A 18 -2.30 6.82 -8.58
C LEU A 18 -1.61 8.16 -9.02
C LEU A 18 -1.49 8.07 -8.97
N HIS A 19 -1.19 8.28 -10.27
CA HIS A 19 -0.53 9.52 -10.75
C HIS A 19 -1.31 10.78 -10.33
N SER A 20 -0.72 11.65 -9.54
CA SER A 20 -1.36 12.83 -8.95
C SER A 20 -0.42 13.45 -7.91
N SER A 21 -0.17 14.76 -7.95
CA SER A 21 0.62 15.45 -6.89
C SER A 21 -0.16 15.40 -5.56
N PHE A 22 -1.47 15.61 -5.62
CA PHE A 22 -2.34 15.53 -4.44
C PHE A 22 -2.23 14.13 -3.83
N ILE A 23 -2.41 13.07 -4.64
CA ILE A 23 -2.39 11.72 -4.03
C ILE A 23 -0.99 11.44 -3.46
N MET A 24 0.07 11.85 -4.17
CA MET A 24 1.43 11.56 -3.63
C MET A 24 1.66 12.35 -2.34
N SER A 25 1.09 13.55 -2.21
CA SER A 25 1.21 14.36 -0.98
C SER A 25 0.54 13.59 0.18
N LYS A 26 -0.57 12.90 -0.10
CA LYS A 26 -1.30 12.11 0.92
C LYS A 26 -0.60 10.81 1.25
N MET A 27 0.06 10.19 0.29
CA MET A 27 0.98 9.06 0.54
CA MET A 27 0.97 9.05 0.56
C MET A 27 2.10 9.51 1.50
N ALA A 28 2.68 10.72 1.31
CA ALA A 28 3.79 11.26 2.11
C ALA A 28 3.28 11.55 3.53
N LEU A 29 2.05 12.08 3.65
CA LEU A 29 1.45 12.32 4.96
C LEU A 29 1.25 11.01 5.70
N ALA A 30 0.76 9.96 5.01
CA ALA A 30 0.55 8.65 5.64
C ALA A 30 1.90 8.10 6.08
N ALA A 31 2.89 8.21 5.19
CA ALA A 31 4.26 7.76 5.51
C ALA A 31 4.76 8.49 6.76
N TYR A 32 4.56 9.81 6.86
CA TYR A 32 4.99 10.61 8.02
C TYR A 32 4.27 10.06 9.26
N GLU A 33 2.96 9.89 9.18
CA GLU A 33 2.18 9.40 10.35
C GLU A 33 2.59 7.99 10.78
N GLY A 34 3.14 7.19 9.88
CA GLY A 34 3.67 5.85 10.20
C GLY A 34 5.12 5.81 10.69
N GLY A 35 5.87 6.91 10.66
CA GLY A 35 7.23 6.97 11.21
C GLY A 35 8.35 7.16 10.18
N ALA A 36 8.04 7.47 8.94
CA ALA A 36 9.07 7.81 7.93
C ALA A 36 9.90 9.03 8.40
N VAL A 37 11.16 9.03 8.06
CA VAL A 37 12.11 10.15 8.38
C VAL A 37 12.32 11.05 7.19
N GLY A 38 11.89 10.66 6.01
CA GLY A 38 12.03 11.43 4.78
C GLY A 38 11.12 10.88 3.69
N ILE A 39 11.13 11.55 2.56
CA ILE A 39 10.29 11.18 1.40
C ILE A 39 11.14 11.29 0.15
N ARG A 40 10.99 10.38 -0.78
CA ARG A 40 11.54 10.56 -2.14
C ARG A 40 10.38 10.78 -3.09
N ALA A 41 10.49 11.74 -4.00
CA ALA A 41 9.34 12.17 -4.81
C ALA A 41 9.86 12.65 -6.15
N ASN A 42 9.00 12.59 -7.12
CA ASN A 42 9.30 12.77 -8.55
C ASN A 42 8.54 13.93 -9.13
N THR A 43 9.21 14.87 -9.78
CA THR A 43 8.67 16.11 -10.40
C THR A 43 8.52 17.24 -9.35
N LYS A 44 8.74 18.47 -9.81
CA LYS A 44 8.58 19.69 -8.98
C LYS A 44 7.16 19.77 -8.37
N GLU A 45 6.14 19.49 -9.16
CA GLU A 45 4.72 19.61 -8.72
CA GLU A 45 4.73 19.63 -8.70
C GLU A 45 4.51 18.71 -7.50
N ASP A 46 4.99 17.47 -7.59
CA ASP A 46 4.80 16.51 -6.47
C ASP A 46 5.61 16.96 -5.25
N ILE A 47 6.88 17.36 -5.46
CA ILE A 47 7.75 17.80 -4.34
C ILE A 47 7.11 18.99 -3.64
N LEU A 48 6.64 19.97 -4.41
CA LEU A 48 6.07 21.19 -3.76
C LEU A 48 4.85 20.81 -2.93
N ALA A 49 4.00 19.96 -3.47
CA ALA A 49 2.75 19.54 -2.79
C ALA A 49 3.11 18.81 -1.50
N ILE A 50 4.09 17.89 -1.55
CA ILE A 50 4.57 17.17 -0.35
C ILE A 50 5.16 18.17 0.66
N LYS A 51 6.01 19.11 0.21
CA LYS A 51 6.68 20.05 1.15
C LYS A 51 5.67 21.03 1.76
N GLU A 52 4.46 21.16 1.20
CA GLU A 52 3.42 22.01 1.86
C GLU A 52 2.65 21.20 2.89
N THR A 53 2.80 19.87 2.88
CA THR A 53 1.98 18.91 3.67
C THR A 53 2.80 18.38 4.83
N VAL A 54 4.12 18.16 4.65
CA VAL A 54 5.02 17.58 5.69
CA VAL A 54 5.01 17.58 5.69
C VAL A 54 6.33 18.37 5.69
N ASP A 55 6.99 18.46 6.86
CA ASP A 55 8.29 19.19 6.97
C ASP A 55 9.46 18.23 6.66
N LEU A 56 9.22 16.95 6.41
CA LEU A 56 10.31 15.94 6.21
C LEU A 56 11.30 16.43 5.15
N PRO A 57 12.59 16.04 5.23
CA PRO A 57 13.47 16.20 4.08
C PRO A 57 12.92 15.38 2.91
N VAL A 58 13.13 15.94 1.73
CA VAL A 58 12.72 15.34 0.46
C VAL A 58 13.96 15.10 -0.37
N ILE A 59 14.03 13.88 -0.93
CA ILE A 59 14.92 13.51 -2.06
C ILE A 59 14.13 13.75 -3.32
N GLY A 60 14.51 14.73 -4.13
CA GLY A 60 13.79 15.05 -5.34
C GLY A 60 14.48 14.45 -6.57
N ILE A 61 13.70 13.94 -7.51
N ILE A 61 13.75 13.78 -7.48
CA ILE A 61 14.11 13.50 -8.87
CA ILE A 61 14.18 13.50 -8.89
C ILE A 61 13.12 14.03 -9.91
C ILE A 61 13.16 14.03 -9.88
N VAL A 62 13.56 14.05 -11.16
CA VAL A 62 12.63 14.19 -12.28
C VAL A 62 12.91 13.01 -13.20
N LYS A 63 11.96 12.11 -13.31
CA LYS A 63 12.06 11.01 -14.26
C LYS A 63 11.51 11.51 -15.58
N ARG A 64 12.36 11.53 -16.58
CA ARG A 64 12.01 12.07 -17.90
C ARG A 64 12.88 11.38 -18.93
N ASP A 65 12.22 10.68 -19.86
CA ASP A 65 12.91 9.95 -20.96
C ASP A 65 13.39 10.95 -22.02
N TYR A 66 14.58 10.70 -22.55
CA TYR A 66 15.17 11.41 -23.69
C TYR A 66 15.52 10.39 -24.79
N ASP A 67 15.41 10.81 -26.05
CA ASP A 67 15.90 10.00 -27.20
C ASP A 67 17.42 9.91 -27.12
N HIS A 68 18.04 8.82 -27.56
CA HIS A 68 19.52 8.75 -27.69
C HIS A 68 20.22 8.60 -26.33
N SER A 69 19.49 8.31 -25.25
CA SER A 69 20.07 8.10 -23.92
C SER A 69 19.21 7.14 -23.12
N ASP A 70 19.81 6.24 -22.37
CA ASP A 70 19.13 5.34 -21.41
C ASP A 70 18.99 5.98 -20.04
N VAL A 71 19.51 7.20 -19.87
CA VAL A 71 19.45 7.91 -18.56
C VAL A 71 18.10 8.62 -18.45
N PHE A 72 17.37 8.33 -17.38
CA PHE A 72 15.98 8.88 -17.22
C PHE A 72 15.82 9.53 -15.83
N ILE A 73 16.71 9.32 -14.86
CA ILE A 73 16.57 9.94 -13.51
C ILE A 73 17.39 11.21 -13.48
N THR A 74 16.74 12.37 -13.63
CA THR A 74 17.37 13.68 -13.53
C THR A 74 18.48 13.77 -14.58
N ALA A 75 18.11 13.68 -15.83
CA ALA A 75 19.06 13.41 -16.92
C ALA A 75 19.88 14.66 -17.28
N THR A 76 19.28 15.85 -17.24
CA THR A 76 19.88 17.11 -17.74
C THR A 76 19.70 18.27 -16.73
N SER A 77 20.33 19.38 -17.07
CA SER A 77 20.21 20.64 -16.29
C SER A 77 18.75 21.12 -16.30
N LYS A 78 17.94 20.68 -17.26
CA LYS A 78 16.50 21.08 -17.25
C LYS A 78 15.85 20.54 -15.99
N GLU A 79 16.14 19.29 -15.71
CA GLU A 79 15.55 18.59 -14.53
C GLU A 79 16.18 19.14 -13.28
N VAL A 80 17.51 19.33 -13.30
CA VAL A 80 18.15 19.94 -12.13
C VAL A 80 17.53 21.31 -11.82
N ASP A 81 17.33 22.17 -12.80
CA ASP A 81 16.69 23.50 -12.56
C ASP A 81 15.30 23.34 -11.92
N GLU A 82 14.49 22.38 -12.37
CA GLU A 82 13.13 22.11 -11.79
C GLU A 82 13.27 21.69 -10.33
N LEU A 83 14.27 20.87 -10.04
CA LEU A 83 14.50 20.44 -8.64
C LEU A 83 15.05 21.58 -7.75
N ILE A 84 15.91 22.43 -8.31
CA ILE A 84 16.34 23.63 -7.55
C ILE A 84 15.10 24.50 -7.22
N GLU A 85 14.15 24.63 -8.15
CA GLU A 85 12.95 25.45 -7.89
C GLU A 85 12.08 24.76 -6.85
N SER A 86 12.13 23.42 -6.78
CA SER A 86 11.35 22.63 -5.80
C SER A 86 11.80 22.86 -4.34
N GLN A 87 13.07 23.22 -4.12
N GLN A 87 13.04 23.28 -4.07
CA GLN A 87 13.64 23.47 -2.78
CA GLN A 87 13.51 23.49 -2.67
C GLN A 87 13.78 22.16 -2.00
C GLN A 87 13.89 22.16 -1.99
N CYS A 88 13.84 21.02 -2.69
CA CYS A 88 14.09 19.71 -2.05
C CYS A 88 15.50 19.72 -1.47
N GLU A 89 15.65 19.07 -0.35
CA GLU A 89 16.88 19.04 0.46
C GLU A 89 17.99 18.29 -0.24
N VAL A 90 17.61 17.23 -0.96
CA VAL A 90 18.59 16.36 -1.65
C VAL A 90 18.14 16.26 -3.08
N ILE A 91 19.06 16.42 -4.01
CA ILE A 91 18.76 16.10 -5.42
C ILE A 91 19.36 14.75 -5.77
N ALA A 92 18.57 13.81 -6.23
CA ALA A 92 19.09 12.52 -6.71
C ALA A 92 19.14 12.51 -8.22
N LEU A 93 20.15 11.82 -8.77
CA LEU A 93 20.28 11.64 -10.22
C LEU A 93 20.85 10.25 -10.52
N ASP A 94 20.48 9.72 -11.67
CA ASP A 94 21.21 8.60 -12.28
C ASP A 94 22.70 8.98 -12.24
N ALA A 95 23.53 8.16 -11.65
CA ALA A 95 25.00 8.37 -11.54
C ALA A 95 25.70 7.16 -12.18
N THR A 96 25.06 6.64 -13.22
CA THR A 96 25.64 5.54 -14.04
C THR A 96 26.72 6.13 -14.94
N LEU A 97 27.48 5.26 -15.58
CA LEU A 97 28.48 5.68 -16.61
C LEU A 97 27.82 5.88 -17.97
N GLN A 98 26.51 5.80 -18.07
CA GLN A 98 25.80 5.88 -19.36
C GLN A 98 25.83 7.29 -19.90
N GLN A 99 26.00 7.42 -21.20
CA GLN A 99 25.93 8.71 -21.91
C GLN A 99 24.53 9.33 -21.67
N ARG A 100 24.56 10.58 -21.24
CA ARG A 100 23.37 11.40 -20.93
C ARG A 100 22.97 12.20 -22.16
N PRO A 101 21.78 12.81 -22.17
CA PRO A 101 21.35 13.57 -23.34
C PRO A 101 22.13 14.86 -23.59
N LYS A 102 22.65 15.51 -22.55
CA LYS A 102 23.17 16.88 -22.67
C LYS A 102 24.46 16.92 -21.86
N GLU A 103 24.44 17.46 -20.66
CA GLU A 103 25.63 17.59 -19.80
C GLU A 103 26.05 16.20 -19.35
N THR A 104 27.34 15.97 -19.13
CA THR A 104 27.76 14.70 -18.53
C THR A 104 27.44 14.68 -17.03
N LEU A 105 27.57 13.53 -16.40
CA LEU A 105 27.33 13.45 -14.95
C LEU A 105 28.26 14.40 -14.20
N ASP A 106 29.53 14.43 -14.59
CA ASP A 106 30.54 15.28 -13.91
C ASP A 106 30.14 16.76 -14.05
N GLU A 107 29.68 17.19 -15.22
CA GLU A 107 29.24 18.58 -15.45
C GLU A 107 27.99 18.88 -14.60
N LEU A 108 27.04 17.93 -14.49
CA LEU A 108 25.79 18.19 -13.73
C LEU A 108 26.14 18.34 -12.25
N VAL A 109 27.07 17.52 -11.73
CA VAL A 109 27.47 17.64 -10.30
C VAL A 109 28.03 19.05 -10.06
N SER A 110 28.93 19.52 -10.92
N SER A 110 28.95 19.51 -10.91
N SER A 110 28.94 19.55 -10.89
CA SER A 110 29.54 20.87 -10.82
CA SER A 110 29.53 20.87 -10.82
CA SER A 110 29.52 20.91 -10.69
C SER A 110 28.44 21.94 -10.89
C SER A 110 28.40 21.90 -10.84
C SER A 110 28.42 21.96 -10.87
N TYR A 111 27.46 21.73 -11.76
CA TYR A 111 26.27 22.61 -11.98
C TYR A 111 25.49 22.72 -10.66
N ILE A 112 25.18 21.60 -10.03
CA ILE A 112 24.41 21.62 -8.76
C ILE A 112 25.22 22.35 -7.69
N ARG A 113 26.50 22.03 -7.57
CA ARG A 113 27.35 22.61 -6.48
C ARG A 113 27.43 24.13 -6.64
N THR A 114 27.45 24.61 -7.87
CA THR A 114 27.53 26.05 -8.21
C THR A 114 26.19 26.72 -7.91
N HIS A 115 25.10 26.20 -8.49
CA HIS A 115 23.79 26.90 -8.51
C HIS A 115 22.93 26.52 -7.31
N ALA A 116 23.22 25.42 -6.59
CA ALA A 116 22.47 25.06 -5.37
C ALA A 116 23.44 24.61 -4.28
N PRO A 117 24.28 25.51 -3.73
CA PRO A 117 25.33 25.03 -2.84
C PRO A 117 24.81 24.52 -1.48
N ASN A 118 23.56 24.83 -1.12
CA ASN A 118 22.97 24.34 0.17
C ASN A 118 22.25 23.00 0.00
N VAL A 119 22.20 22.42 -1.19
CA VAL A 119 21.49 21.13 -1.45
CA VAL A 119 21.49 21.12 -1.37
C VAL A 119 22.51 19.99 -1.39
N GLU A 120 22.14 18.87 -0.81
CA GLU A 120 22.96 17.65 -0.93
C GLU A 120 22.57 16.90 -2.20
N ILE A 121 23.45 16.04 -2.66
CA ILE A 121 23.23 15.23 -3.87
C ILE A 121 23.38 13.74 -3.55
N MET A 122 22.52 12.99 -4.20
CA MET A 122 22.41 11.51 -4.13
C MET A 122 22.64 10.85 -5.49
N ALA A 123 23.52 9.85 -5.54
CA ALA A 123 23.93 9.12 -6.76
C ALA A 123 23.10 7.84 -6.81
N ASP A 124 22.18 7.70 -7.79
CA ASP A 124 21.53 6.42 -8.11
C ASP A 124 22.47 5.56 -8.96
N ILE A 125 23.04 4.54 -8.35
CA ILE A 125 24.02 3.69 -9.09
C ILE A 125 23.54 2.28 -9.30
N ALA A 126 24.26 1.56 -10.17
CA ALA A 126 23.89 0.15 -10.53
C ALA A 126 25.01 -0.83 -10.16
N THR A 127 26.25 -0.34 -9.98
CA THR A 127 27.46 -1.18 -9.83
C THR A 127 28.42 -0.60 -8.82
N VAL A 128 29.35 -1.42 -8.34
CA VAL A 128 30.36 -0.99 -7.37
C VAL A 128 31.25 0.08 -8.01
N GLU A 129 31.58 -0.11 -9.29
N GLU A 129 31.60 -0.02 -9.28
CA GLU A 129 32.36 0.84 -10.12
CA GLU A 129 32.49 1.01 -9.88
C GLU A 129 31.72 2.23 -9.98
C GLU A 129 31.74 2.34 -10.05
N GLU A 130 30.42 2.31 -10.23
CA GLU A 130 29.65 3.57 -10.26
C GLU A 130 29.58 4.15 -8.85
N ALA A 131 29.46 3.31 -7.84
CA ALA A 131 29.55 3.82 -6.45
C ALA A 131 30.92 4.50 -6.18
N LYS A 132 32.00 3.93 -6.65
CA LYS A 132 33.35 4.51 -6.44
C LYS A 132 33.48 5.81 -7.22
N ASN A 133 32.90 5.88 -8.39
CA ASN A 133 32.93 7.10 -9.25
C ASN A 133 32.13 8.18 -8.51
N ALA A 134 31.01 7.80 -7.90
CA ALA A 134 30.18 8.81 -7.17
C ALA A 134 30.93 9.34 -5.99
N ALA A 135 31.66 8.50 -5.27
CA ALA A 135 32.51 8.95 -4.17
C ALA A 135 33.61 9.90 -4.71
N ARG A 136 34.22 9.62 -5.87
CA ARG A 136 35.20 10.50 -6.52
C ARG A 136 34.59 11.89 -6.74
N LEU A 137 33.33 11.92 -7.19
CA LEU A 137 32.66 13.19 -7.58
C LEU A 137 32.09 13.91 -6.35
N GLY A 138 32.22 13.33 -5.16
CA GLY A 138 31.83 14.01 -3.91
C GLY A 138 30.34 13.93 -3.61
N PHE A 139 29.63 12.89 -4.02
CA PHE A 139 28.19 12.74 -3.70
C PHE A 139 28.04 12.58 -2.19
N ASP A 140 27.00 13.19 -1.65
CA ASP A 140 26.67 13.08 -0.22
C ASP A 140 26.10 11.73 0.12
N TYR A 141 25.28 11.14 -0.76
CA TYR A 141 24.64 9.81 -0.58
C TYR A 141 24.89 9.01 -1.83
N ILE A 142 24.99 7.71 -1.66
CA ILE A 142 25.11 6.76 -2.79
C ILE A 142 24.07 5.65 -2.63
N GLY A 143 23.08 5.67 -3.52
CA GLY A 143 22.01 4.68 -3.46
C GLY A 143 22.16 3.56 -4.48
N THR A 144 21.56 2.44 -4.12
CA THR A 144 21.59 1.22 -4.97
C THR A 144 20.40 1.20 -5.94
N THR A 145 19.78 2.36 -6.24
CA THR A 145 18.49 2.49 -6.95
C THR A 145 18.46 1.71 -8.27
N LEU A 146 19.52 1.76 -9.07
CA LEU A 146 19.49 1.23 -10.46
C LEU A 146 20.11 -0.16 -10.55
N HIS A 147 20.43 -0.80 -9.43
CA HIS A 147 21.07 -2.12 -9.45
C HIS A 147 20.06 -3.15 -10.03
N GLY A 148 20.36 -3.73 -11.18
CA GLY A 148 19.43 -4.65 -11.87
C GLY A 148 18.57 -3.98 -12.90
N TYR A 149 18.68 -2.65 -13.05
CA TYR A 149 17.79 -1.88 -13.95
C TYR A 149 18.60 -1.16 -15.02
N THR A 150 19.72 -1.75 -15.39
CA THR A 150 20.57 -1.29 -16.51
C THR A 150 20.86 -2.49 -17.40
N SER A 151 21.24 -2.24 -18.65
CA SER A 151 21.51 -3.35 -19.60
C SER A 151 22.71 -4.19 -19.15
N TYR A 152 23.51 -3.71 -18.23
CA TYR A 152 24.75 -4.35 -17.76
C TYR A 152 24.58 -4.94 -16.36
N THR A 153 23.38 -4.92 -15.75
CA THR A 153 23.09 -5.57 -14.45
C THR A 153 21.84 -6.48 -14.55
N GLN A 154 21.55 -6.99 -15.73
CA GLN A 154 20.33 -7.82 -15.91
C GLN A 154 20.39 -9.07 -15.03
N GLY A 155 19.26 -9.36 -14.38
CA GLY A 155 19.12 -10.50 -13.46
C GLY A 155 19.65 -10.23 -12.06
N GLN A 156 20.25 -9.07 -11.81
CA GLN A 156 20.75 -8.78 -10.46
C GLN A 156 19.65 -8.07 -9.66
N LEU A 157 19.56 -8.45 -8.38
CA LEU A 157 18.55 -7.89 -7.44
C LEU A 157 19.23 -7.67 -6.11
N LEU A 158 18.91 -6.57 -5.43
CA LEU A 158 19.72 -6.16 -4.26
C LEU A 158 19.85 -7.28 -3.22
N TYR A 159 18.76 -8.01 -3.00
CA TYR A 159 18.70 -8.95 -1.86
C TYR A 159 19.47 -10.23 -2.16
N GLN A 160 19.93 -10.43 -3.38
CA GLN A 160 20.55 -11.73 -3.78
C GLN A 160 21.76 -12.06 -2.93
N ASN A 161 21.96 -13.35 -2.64
CA ASN A 161 23.11 -13.82 -1.86
C ASN A 161 23.25 -12.98 -0.59
N ASP A 162 22.18 -12.87 0.19
CA ASP A 162 22.18 -12.11 1.46
C ASP A 162 22.82 -10.73 1.25
N PHE A 163 22.32 -10.00 0.28
CA PHE A 163 22.68 -8.59 0.05
C PHE A 163 24.18 -8.43 -0.28
N GLN A 164 24.76 -9.38 -1.00
CA GLN A 164 26.21 -9.32 -1.31
C GLN A 164 26.53 -8.03 -2.08
N PHE A 165 25.70 -7.59 -2.99
CA PHE A 165 25.96 -6.32 -3.71
C PHE A 165 26.06 -5.16 -2.71
N LEU A 166 25.12 -5.06 -1.78
CA LEU A 166 25.14 -3.95 -0.80
C LEU A 166 26.43 -4.03 0.03
N LYS A 167 26.79 -5.24 0.48
CA LYS A 167 28.04 -5.41 1.28
C LYS A 167 29.27 -4.87 0.52
N ASP A 168 29.34 -5.14 -0.76
CA ASP A 168 30.43 -4.73 -1.69
C ASP A 168 30.40 -3.20 -1.84
N VAL A 169 29.22 -2.59 -1.99
CA VAL A 169 29.15 -1.12 -2.08
C VAL A 169 29.62 -0.54 -0.74
N LEU A 170 29.10 -1.02 0.38
CA LEU A 170 29.48 -0.52 1.71
C LEU A 170 31.00 -0.63 1.90
N GLN A 171 31.63 -1.72 1.48
CA GLN A 171 33.10 -1.92 1.64
C GLN A 171 33.89 -0.93 0.78
N SER A 172 33.34 -0.46 -0.31
CA SER A 172 34.12 0.23 -1.36
CA SER A 172 34.06 0.24 -1.42
C SER A 172 34.07 1.75 -1.25
N VAL A 173 33.18 2.31 -0.44
CA VAL A 173 33.03 3.79 -0.30
C VAL A 173 32.88 4.18 1.17
N ASP A 174 33.34 5.38 1.53
CA ASP A 174 33.16 5.92 2.89
C ASP A 174 31.87 6.71 2.97
N ALA A 175 31.32 7.15 1.85
CA ALA A 175 30.11 7.98 1.85
C ALA A 175 28.93 7.20 2.45
N LYS A 176 27.90 7.97 2.77
CA LYS A 176 26.62 7.47 3.29
C LYS A 176 25.96 6.66 2.18
N VAL A 177 25.70 5.39 2.45
CA VAL A 177 25.10 4.48 1.47
C VAL A 177 23.60 4.29 1.78
N ILE A 178 22.77 4.37 0.77
CA ILE A 178 21.30 4.17 0.89
C ILE A 178 20.88 2.89 0.14
N ALA A 179 20.26 1.97 0.89
CA ALA A 179 19.63 0.78 0.30
C ALA A 179 18.32 1.23 -0.33
N GLU A 180 18.24 1.22 -1.67
CA GLU A 180 17.10 1.68 -2.43
C GLU A 180 16.92 0.70 -3.59
N GLY A 181 15.68 0.25 -3.75
CA GLY A 181 15.31 -0.66 -4.85
C GLY A 181 15.30 -2.09 -4.33
N ASN A 182 14.10 -2.72 -4.35
CA ASN A 182 13.87 -4.12 -3.96
C ASN A 182 14.16 -4.29 -2.47
N VAL A 183 13.90 -3.26 -1.67
CA VAL A 183 13.73 -3.51 -0.20
C VAL A 183 12.23 -3.75 0.00
N ILE A 184 11.85 -5.02 0.03
CA ILE A 184 10.44 -5.42 -0.22
C ILE A 184 9.66 -5.66 1.10
N THR A 185 10.35 -6.01 2.17
CA THR A 185 9.72 -6.48 3.43
C THR A 185 10.41 -5.81 4.60
N PRO A 186 9.74 -5.68 5.77
CA PRO A 186 10.42 -5.20 6.97
C PRO A 186 11.64 -6.06 7.31
N ASP A 187 11.65 -7.36 7.04
CA ASP A 187 12.84 -8.18 7.30
C ASP A 187 14.02 -7.73 6.43
N MET A 188 13.78 -7.34 5.18
CA MET A 188 14.88 -6.83 4.33
C MET A 188 15.38 -5.50 4.90
N TYR A 189 14.46 -4.61 5.28
CA TYR A 189 14.77 -3.28 5.83
C TYR A 189 15.68 -3.48 7.05
N LYS A 190 15.31 -4.37 7.97
CA LYS A 190 16.17 -4.63 9.12
C LYS A 190 17.53 -5.17 8.67
N ARG A 191 17.57 -6.06 7.69
CA ARG A 191 18.86 -6.66 7.24
C ARG A 191 19.77 -5.54 6.72
N VAL A 192 19.27 -4.66 5.87
CA VAL A 192 20.16 -3.64 5.26
C VAL A 192 20.59 -2.63 6.32
N MET A 193 19.75 -2.27 7.29
CA MET A 193 20.11 -1.36 8.38
C MET A 193 21.19 -2.02 9.25
N ASP A 194 21.03 -3.31 9.50
CA ASP A 194 22.03 -4.09 10.28
C ASP A 194 23.39 -4.13 9.57
N LEU A 195 23.42 -4.12 8.24
CA LEU A 195 24.67 -4.17 7.43
C LEU A 195 25.38 -2.81 7.40
N GLY A 196 24.73 -1.72 7.84
CA GLY A 196 25.38 -0.40 8.05
C GLY A 196 25.00 0.64 7.00
N VAL A 197 23.88 0.51 6.32
CA VAL A 197 23.45 1.62 5.43
C VAL A 197 23.10 2.81 6.33
N HIS A 198 23.17 4.00 5.76
CA HIS A 198 22.74 5.23 6.45
C HIS A 198 21.21 5.24 6.58
N CYS A 199 20.50 4.95 5.49
CA CYS A 199 19.02 4.85 5.54
C CYS A 199 18.60 3.94 4.40
N SER A 200 17.32 3.68 4.32
CA SER A 200 16.73 2.84 3.26
CA SER A 200 16.68 2.81 3.31
C SER A 200 15.54 3.57 2.67
N VAL A 201 15.43 3.50 1.37
CA VAL A 201 14.26 4.03 0.64
C VAL A 201 13.39 2.83 0.23
N VAL A 202 12.11 2.88 0.61
CA VAL A 202 11.13 1.85 0.22
C VAL A 202 9.99 2.55 -0.53
N GLY A 203 9.69 2.05 -1.71
CA GLY A 203 8.61 2.59 -2.55
C GLY A 203 7.48 1.59 -2.72
N GLY A 204 7.70 0.62 -3.58
CA GLY A 204 6.63 -0.29 -4.05
C GLY A 204 5.95 -1.01 -2.90
N ALA A 205 6.67 -1.40 -1.88
CA ALA A 205 6.09 -2.17 -0.77
C ALA A 205 5.13 -1.30 0.05
N ILE A 206 5.16 0.04 -0.07
CA ILE A 206 4.31 0.92 0.79
C ILE A 206 3.33 1.65 -0.09
N THR A 207 3.77 2.21 -1.23
CA THR A 207 2.95 3.22 -1.95
C THR A 207 2.52 2.79 -3.33
N ARG A 208 2.75 1.52 -3.71
CA ARG A 208 2.24 0.96 -4.98
CA ARG A 208 2.28 0.94 -4.99
C ARG A 208 1.32 -0.22 -4.72
N PRO A 209 0.04 0.05 -4.46
CA PRO A 209 -0.93 -1.01 -4.20
C PRO A 209 -0.99 -2.08 -5.29
N LYS A 210 -0.71 -1.73 -6.56
CA LYS A 210 -0.68 -2.76 -7.62
C LYS A 210 0.45 -3.77 -7.34
N GLU A 211 1.62 -3.29 -6.93
CA GLU A 211 2.78 -4.18 -6.71
CA GLU A 211 2.79 -4.16 -6.69
C GLU A 211 2.54 -5.03 -5.47
N ILE A 212 1.87 -4.52 -4.48
CA ILE A 212 1.67 -5.29 -3.22
C ILE A 212 0.66 -6.38 -3.53
N THR A 213 -0.39 -5.96 -4.23
CA THR A 213 -1.44 -6.90 -4.67
C THR A 213 -0.77 -8.04 -5.42
N LYS A 214 0.10 -7.72 -6.38
CA LYS A 214 0.76 -8.81 -7.16
CA LYS A 214 0.75 -8.80 -7.17
C LYS A 214 1.50 -9.78 -6.25
N ARG A 215 2.15 -9.33 -5.17
CA ARG A 215 2.87 -10.27 -4.26
C ARG A 215 1.85 -11.17 -3.55
N PHE A 216 0.67 -10.66 -3.19
CA PHE A 216 -0.35 -11.51 -2.56
C PHE A 216 -0.80 -12.58 -3.57
N VAL A 217 -1.17 -12.15 -4.77
CA VAL A 217 -1.73 -13.09 -5.79
C VAL A 217 -0.66 -14.14 -6.12
N GLN A 218 0.61 -13.74 -6.28
N GLN A 218 0.61 -13.76 -6.12
CA GLN A 218 1.72 -14.63 -6.76
CA GLN A 218 1.73 -14.61 -6.58
C GLN A 218 1.87 -15.81 -5.80
C GLN A 218 1.99 -15.74 -5.58
N ILE A 219 1.77 -15.56 -4.50
N ILE A 219 1.72 -15.56 -4.28
CA ILE A 219 1.93 -16.60 -3.43
CA ILE A 219 1.94 -16.70 -3.34
C ILE A 219 1.03 -17.81 -3.78
C ILE A 219 0.91 -17.82 -3.59
N MET A 220 -0.14 -17.61 -4.39
CA MET A 220 -1.13 -18.69 -4.74
C MET A 220 -0.82 -19.37 -6.07
N GLU A 221 0.03 -18.79 -6.91
CA GLU A 221 0.32 -19.25 -8.29
C GLU A 221 1.59 -20.12 -8.28
N ASP A 222 2.54 -19.81 -7.40
CA ASP A 222 3.86 -20.50 -7.28
C ASP A 222 3.72 -22.00 -7.63
N MET B 1 -21.62 -13.78 -7.89
N MET B 1 -21.51 -14.44 -7.60
CA MET B 1 -20.93 -14.30 -6.64
CA MET B 1 -20.65 -15.05 -6.55
C MET B 1 -19.45 -13.87 -6.60
C MET B 1 -19.29 -14.37 -6.58
N LEU B 2 -18.81 -13.96 -5.41
CA LEU B 2 -17.40 -13.55 -5.26
C LEU B 2 -16.53 -14.71 -5.72
N PRO B 3 -15.50 -14.47 -6.56
CA PRO B 3 -14.60 -15.56 -6.90
C PRO B 3 -13.74 -16.02 -5.72
N HIS B 4 -13.06 -17.14 -5.90
N HIS B 4 -13.19 -17.22 -5.84
CA HIS B 4 -12.02 -17.62 -4.97
CA HIS B 4 -12.00 -17.64 -5.05
C HIS B 4 -10.69 -16.92 -5.23
C HIS B 4 -10.98 -16.53 -5.36
N GLY B 5 -10.32 -16.00 -4.35
CA GLY B 5 -9.12 -15.22 -4.57
C GLY B 5 -9.12 -14.04 -3.63
N LEU B 6 -8.44 -13.00 -4.08
CA LEU B 6 -8.07 -11.84 -3.23
C LEU B 6 -9.04 -10.69 -3.47
N ILE B 7 -9.72 -10.32 -2.43
CA ILE B 7 -10.61 -9.13 -2.44
CA ILE B 7 -10.63 -9.14 -2.40
C ILE B 7 -9.86 -8.01 -1.71
N VAL B 8 -9.73 -6.85 -2.33
CA VAL B 8 -8.93 -5.75 -1.68
C VAL B 8 -9.89 -4.70 -1.12
N SER B 9 -9.77 -4.46 0.14
CA SER B 9 -10.53 -3.40 0.85
C SER B 9 -9.93 -2.02 0.62
N CYS B 10 -10.67 -1.16 -0.06
CA CYS B 10 -10.24 0.18 -0.46
C CYS B 10 -11.04 1.19 0.36
N GLN B 11 -10.56 1.43 1.60
CA GLN B 11 -11.24 2.28 2.59
C GLN B 11 -10.26 3.34 3.11
N ALA B 12 -10.79 4.51 3.39
CA ALA B 12 -10.05 5.61 4.03
C ALA B 12 -11.10 6.51 4.67
N LEU B 13 -11.22 6.39 5.98
CA LEU B 13 -12.31 7.09 6.71
C LEU B 13 -11.92 8.54 6.81
N PRO B 14 -12.86 9.41 7.23
CA PRO B 14 -12.57 10.84 7.39
C PRO B 14 -11.34 11.03 8.29
N ASP B 15 -10.57 12.02 7.93
CA ASP B 15 -9.31 12.40 8.60
C ASP B 15 -8.19 11.40 8.27
N GLU B 16 -8.44 10.24 7.61
CA GLU B 16 -7.30 9.39 7.11
C GLU B 16 -6.73 10.09 5.89
N PRO B 17 -5.41 9.97 5.65
CA PRO B 17 -4.76 10.67 4.53
C PRO B 17 -5.41 10.53 3.15
N LEU B 18 -5.79 9.32 2.77
N LEU B 18 -5.78 9.31 2.77
CA LEU B 18 -6.29 9.03 1.41
CA LEU B 18 -6.30 8.96 1.41
C LEU B 18 -7.83 9.14 1.31
C LEU B 18 -7.82 9.17 1.31
N HIS B 19 -8.51 9.66 2.35
CA HIS B 19 -10.00 9.82 2.33
C HIS B 19 -10.36 10.57 1.05
N SER B 20 -11.22 9.98 0.22
CA SER B 20 -11.68 10.49 -1.10
C SER B 20 -12.23 9.35 -1.92
N SER B 21 -13.47 9.47 -2.37
CA SER B 21 -14.10 8.49 -3.30
CA SER B 21 -14.12 8.51 -3.31
C SER B 21 -13.22 8.34 -4.54
N PHE B 22 -12.71 9.43 -5.09
CA PHE B 22 -11.82 9.44 -6.27
CA PHE B 22 -11.88 9.34 -6.32
C PHE B 22 -10.54 8.64 -5.98
N ILE B 23 -9.87 8.95 -4.88
CA ILE B 23 -8.62 8.23 -4.52
C ILE B 23 -8.97 6.74 -4.34
N MET B 24 -10.08 6.40 -3.66
CA MET B 24 -10.36 4.94 -3.45
C MET B 24 -10.68 4.28 -4.82
N SER B 25 -11.24 5.00 -5.79
CA SER B 25 -11.48 4.43 -7.13
C SER B 25 -10.12 4.09 -7.78
N LYS B 26 -9.08 4.89 -7.52
CA LYS B 26 -7.73 4.69 -8.10
CA LYS B 26 -7.75 4.64 -8.14
C LYS B 26 -6.97 3.58 -7.35
N MET B 27 -7.14 3.49 -6.02
CA MET B 27 -6.67 2.32 -5.27
C MET B 27 -7.31 1.04 -5.80
N ALA B 28 -8.62 1.03 -6.05
CA ALA B 28 -9.31 -0.14 -6.61
C ALA B 28 -8.78 -0.47 -7.99
N LEU B 29 -8.51 0.53 -8.83
CA LEU B 29 -7.96 0.22 -10.16
C LEU B 29 -6.57 -0.40 -10.01
N ALA B 30 -5.75 0.13 -9.11
CA ALA B 30 -4.39 -0.41 -8.88
C ALA B 30 -4.52 -1.88 -8.46
N ALA B 31 -5.42 -2.18 -7.52
CA ALA B 31 -5.61 -3.55 -7.00
C ALA B 31 -6.06 -4.45 -8.16
N TYR B 32 -6.97 -3.96 -8.99
CA TYR B 32 -7.46 -4.76 -10.15
C TYR B 32 -6.26 -5.08 -11.06
N GLU B 33 -5.44 -4.09 -11.37
CA GLU B 33 -4.23 -4.29 -12.25
C GLU B 33 -3.23 -5.29 -11.64
N GLY B 34 -3.24 -5.51 -10.34
CA GLY B 34 -2.39 -6.45 -9.62
C GLY B 34 -2.99 -7.85 -9.53
N GLY B 35 -4.27 -8.00 -9.86
CA GLY B 35 -4.97 -9.28 -9.83
C GLY B 35 -6.00 -9.49 -8.73
N ALA B 36 -6.49 -8.40 -8.10
CA ALA B 36 -7.65 -8.52 -7.19
C ALA B 36 -8.87 -9.00 -7.97
N VAL B 37 -9.77 -9.74 -7.36
N VAL B 37 -9.67 -9.88 -7.33
CA VAL B 37 -10.98 -10.19 -8.11
CA VAL B 37 -10.95 -10.47 -7.87
C VAL B 37 -12.22 -9.74 -7.35
C VAL B 37 -12.16 -9.65 -7.46
N GLY B 38 -12.08 -8.79 -6.44
CA GLY B 38 -13.24 -8.08 -5.91
C GLY B 38 -12.73 -6.93 -5.08
N ILE B 39 -13.61 -6.03 -4.68
CA ILE B 39 -13.23 -4.84 -3.86
C ILE B 39 -14.23 -4.79 -2.69
N ARG B 40 -13.76 -4.38 -1.54
CA ARG B 40 -14.65 -4.03 -0.41
C ARG B 40 -14.53 -2.52 -0.21
N ALA B 41 -15.67 -1.83 -0.16
CA ALA B 41 -15.65 -0.36 -0.05
C ALA B 41 -16.79 0.15 0.81
N ASN B 42 -16.57 1.37 1.33
CA ASN B 42 -17.36 2.04 2.39
C ASN B 42 -18.00 3.26 1.79
N THR B 43 -19.32 3.36 1.92
CA THR B 43 -20.21 4.46 1.48
C THR B 43 -20.62 4.28 0.03
N LYS B 44 -21.84 4.72 -0.26
CA LYS B 44 -22.42 4.72 -1.60
C LYS B 44 -21.48 5.51 -2.54
N GLU B 45 -20.99 6.65 -2.12
CA GLU B 45 -20.21 7.51 -3.06
C GLU B 45 -18.89 6.83 -3.45
N ASP B 46 -18.22 6.16 -2.51
CA ASP B 46 -16.97 5.43 -2.85
C ASP B 46 -17.33 4.23 -3.75
N ILE B 47 -18.36 3.46 -3.43
CA ILE B 47 -18.80 2.29 -4.27
C ILE B 47 -19.06 2.78 -5.70
N LEU B 48 -19.84 3.85 -5.84
CA LEU B 48 -20.23 4.34 -7.18
C LEU B 48 -18.99 4.72 -7.99
N ALA B 49 -18.04 5.38 -7.38
CA ALA B 49 -16.81 5.80 -8.04
C ALA B 49 -15.96 4.60 -8.43
N ILE B 50 -15.87 3.62 -7.56
CA ILE B 50 -15.14 2.38 -7.87
C ILE B 50 -15.79 1.66 -9.05
N LYS B 51 -17.14 1.67 -9.08
CA LYS B 51 -17.88 0.86 -10.11
C LYS B 51 -17.78 1.59 -11.47
N GLU B 52 -17.43 2.88 -11.44
CA GLU B 52 -17.12 3.69 -12.65
C GLU B 52 -15.81 3.23 -13.29
N THR B 53 -14.97 2.53 -12.55
N THR B 53 -14.81 2.84 -12.46
CA THR B 53 -13.53 2.42 -12.84
CA THR B 53 -13.41 2.47 -12.88
C THR B 53 -13.09 0.97 -13.01
C THR B 53 -13.29 0.97 -13.16
N VAL B 54 -13.71 0.08 -12.25
CA VAL B 54 -13.54 -1.39 -12.42
C VAL B 54 -14.90 -2.07 -12.47
N ASP B 55 -14.93 -3.16 -13.20
CA ASP B 55 -16.15 -3.99 -13.21
C ASP B 55 -16.06 -5.02 -12.04
N LEU B 56 -15.03 -5.03 -11.19
CA LEU B 56 -14.97 -6.07 -10.10
C LEU B 56 -16.29 -6.12 -9.31
N PRO B 57 -16.69 -7.26 -8.72
CA PRO B 57 -17.81 -7.28 -7.76
C PRO B 57 -17.35 -6.50 -6.56
N VAL B 58 -18.29 -5.85 -5.91
CA VAL B 58 -17.98 -4.97 -4.77
C VAL B 58 -18.78 -5.47 -3.57
N ILE B 59 -18.10 -5.62 -2.44
CA ILE B 59 -18.78 -5.76 -1.11
C ILE B 59 -18.91 -4.33 -0.57
N GLY B 60 -20.14 -3.87 -0.37
CA GLY B 60 -20.45 -2.55 0.14
C GLY B 60 -20.81 -2.57 1.61
N ILE B 61 -20.31 -1.62 2.38
CA ILE B 61 -20.70 -1.29 3.79
C ILE B 61 -20.94 0.21 3.89
N VAL B 62 -21.61 0.63 4.95
CA VAL B 62 -21.56 2.05 5.37
C VAL B 62 -21.15 2.04 6.83
N LYS B 63 -19.97 2.56 7.14
CA LYS B 63 -19.51 2.74 8.53
C LYS B 63 -20.04 4.08 8.99
N ARG B 64 -20.90 4.07 10.00
CA ARG B 64 -21.58 5.29 10.48
C ARG B 64 -21.91 5.01 11.93
N ASP B 65 -21.39 5.86 12.80
CA ASP B 65 -21.64 5.80 14.26
C ASP B 65 -23.06 6.30 14.56
N TYR B 66 -23.67 5.66 15.53
CA TYR B 66 -25.00 6.04 16.07
C TYR B 66 -24.84 6.20 17.57
N ASP B 67 -25.52 7.18 18.17
CA ASP B 67 -25.53 7.30 19.65
C ASP B 67 -26.19 6.06 20.21
N HIS B 68 -25.71 5.59 21.35
CA HIS B 68 -26.36 4.50 22.12
C HIS B 68 -26.22 3.17 21.38
N SER B 69 -25.36 3.06 20.36
CA SER B 69 -25.00 1.75 19.78
C SER B 69 -23.49 1.67 19.52
N ASP B 70 -22.91 0.50 19.76
CA ASP B 70 -21.54 0.13 19.33
C ASP B 70 -21.52 -0.48 17.92
N VAL B 71 -22.67 -0.66 17.26
CA VAL B 71 -22.73 -1.26 15.90
C VAL B 71 -22.55 -0.13 14.88
N PHE B 72 -21.58 -0.26 13.98
CA PHE B 72 -21.24 0.88 13.10
C PHE B 72 -21.07 0.38 11.67
N ILE B 73 -20.96 -0.93 11.45
CA ILE B 73 -20.92 -1.48 10.06
C ILE B 73 -22.35 -1.78 9.58
N THR B 74 -22.94 -0.86 8.81
CA THR B 74 -24.28 -0.95 8.22
C THR B 74 -25.28 -1.24 9.35
N ALA B 75 -25.49 -0.26 10.21
CA ALA B 75 -26.20 -0.43 11.50
C ALA B 75 -27.70 -0.45 11.31
N THR B 76 -28.23 0.27 10.32
CA THR B 76 -29.71 0.41 10.12
C THR B 76 -30.13 0.36 8.66
N SER B 77 -31.44 0.39 8.40
CA SER B 77 -32.06 0.31 7.07
C SER B 77 -31.67 1.58 6.27
N LYS B 78 -31.25 2.62 6.95
CA LYS B 78 -30.75 3.86 6.26
C LYS B 78 -29.48 3.50 5.47
N GLU B 79 -28.53 2.87 6.16
CA GLU B 79 -27.29 2.38 5.47
C GLU B 79 -27.64 1.32 4.41
N VAL B 80 -28.56 0.39 4.68
CA VAL B 80 -28.91 -0.65 3.68
C VAL B 80 -29.44 0.05 2.43
N ASP B 81 -30.31 1.06 2.59
CA ASP B 81 -30.95 1.76 1.45
C ASP B 81 -29.86 2.41 0.58
N GLU B 82 -28.86 3.05 1.19
CA GLU B 82 -27.72 3.64 0.45
C GLU B 82 -27.04 2.55 -0.34
N LEU B 83 -26.81 1.40 0.28
CA LEU B 83 -26.09 0.31 -0.42
C LEU B 83 -26.93 -0.30 -1.54
N ILE B 84 -28.25 -0.36 -1.40
CA ILE B 84 -29.10 -0.86 -2.51
C ILE B 84 -29.02 0.14 -3.67
N GLU B 85 -29.00 1.43 -3.36
CA GLU B 85 -28.83 2.49 -4.39
CA GLU B 85 -28.84 2.47 -4.40
C GLU B 85 -27.48 2.33 -5.11
N SER B 86 -26.42 1.91 -4.38
CA SER B 86 -25.02 1.82 -4.91
C SER B 86 -24.88 0.66 -5.91
N GLN B 87 -25.79 -0.31 -5.82
N GLN B 87 -25.80 -0.32 -5.87
CA GLN B 87 -25.84 -1.53 -6.68
CA GLN B 87 -25.83 -1.50 -6.77
C GLN B 87 -24.55 -2.34 -6.49
C GLN B 87 -24.65 -2.46 -6.45
N CYS B 88 -23.96 -2.31 -5.30
CA CYS B 88 -22.91 -3.29 -4.93
C CYS B 88 -23.50 -4.72 -4.96
N GLU B 89 -22.71 -5.68 -5.35
CA GLU B 89 -23.09 -7.09 -5.52
C GLU B 89 -23.33 -7.78 -4.17
N VAL B 90 -22.64 -7.33 -3.14
CA VAL B 90 -22.70 -7.92 -1.79
C VAL B 90 -22.89 -6.76 -0.81
N ILE B 91 -23.79 -6.91 0.14
CA ILE B 91 -23.94 -5.97 1.26
C ILE B 91 -23.42 -6.68 2.50
N ALA B 92 -22.41 -6.08 3.15
CA ALA B 92 -21.89 -6.61 4.41
C ALA B 92 -22.44 -5.76 5.56
N LEU B 93 -22.68 -6.40 6.70
CA LEU B 93 -23.17 -5.72 7.90
C LEU B 93 -22.63 -6.45 9.14
N ASP B 94 -22.42 -5.70 10.21
CA ASP B 94 -22.22 -6.27 11.56
C ASP B 94 -23.33 -7.29 11.76
N ALA B 95 -22.96 -8.53 12.09
CA ALA B 95 -23.91 -9.63 12.37
C ALA B 95 -23.78 -10.12 13.82
N THR B 96 -23.32 -9.26 14.70
CA THR B 96 -23.35 -9.49 16.20
C THR B 96 -24.78 -9.25 16.71
N LEU B 97 -25.03 -9.70 17.96
CA LEU B 97 -26.35 -9.47 18.59
C LEU B 97 -26.22 -8.32 19.59
N GLN B 98 -25.24 -7.44 19.40
CA GLN B 98 -25.22 -6.15 20.11
C GLN B 98 -26.44 -5.30 19.75
N GLN B 99 -26.77 -4.36 20.64
CA GLN B 99 -27.90 -3.43 20.53
C GLN B 99 -27.68 -2.51 19.32
N ARG B 100 -28.61 -2.53 18.37
CA ARG B 100 -28.62 -1.66 17.17
C ARG B 100 -29.52 -0.47 17.44
N PRO B 101 -29.35 0.63 16.67
CA PRO B 101 -30.16 1.83 16.84
C PRO B 101 -31.65 1.69 16.50
N LYS B 102 -31.97 0.81 15.55
CA LYS B 102 -33.31 0.72 14.92
C LYS B 102 -33.67 -0.74 14.74
N GLU B 103 -33.63 -1.26 13.51
CA GLU B 103 -33.97 -2.67 13.14
C GLU B 103 -33.02 -3.64 13.84
N THR B 104 -33.51 -4.84 14.15
CA THR B 104 -32.67 -5.97 14.57
C THR B 104 -31.94 -6.58 13.38
N LEU B 105 -30.93 -7.38 13.66
CA LEU B 105 -30.19 -8.15 12.62
C LEU B 105 -31.19 -8.95 11.77
N ASP B 106 -32.12 -9.68 12.39
CA ASP B 106 -33.09 -10.51 11.61
CA ASP B 106 -33.06 -10.52 11.59
C ASP B 106 -33.92 -9.59 10.72
N GLU B 107 -34.28 -8.41 11.23
CA GLU B 107 -35.12 -7.46 10.45
C GLU B 107 -34.33 -6.92 9.27
N LEU B 108 -33.03 -6.65 9.45
CA LEU B 108 -32.20 -6.14 8.33
C LEU B 108 -32.02 -7.23 7.27
N VAL B 109 -31.70 -8.45 7.68
CA VAL B 109 -31.59 -9.57 6.70
C VAL B 109 -32.89 -9.70 5.90
N SER B 110 -34.04 -9.71 6.58
CA SER B 110 -35.38 -9.78 5.92
CA SER B 110 -35.34 -9.82 5.88
C SER B 110 -35.55 -8.63 4.94
N TYR B 111 -35.23 -7.40 5.37
CA TYR B 111 -35.33 -6.16 4.58
C TYR B 111 -34.49 -6.29 3.29
N ILE B 112 -33.29 -6.83 3.36
CA ILE B 112 -32.42 -6.91 2.16
C ILE B 112 -33.00 -7.99 1.23
N ARG B 113 -33.42 -9.13 1.79
CA ARG B 113 -33.99 -10.22 0.95
C ARG B 113 -35.24 -9.69 0.25
N THR B 114 -35.97 -8.77 0.88
CA THR B 114 -37.23 -8.24 0.29
C THR B 114 -36.93 -7.12 -0.71
N HIS B 115 -36.12 -6.12 -0.35
CA HIS B 115 -35.95 -4.88 -1.18
C HIS B 115 -34.83 -5.04 -2.21
N ALA B 116 -34.02 -6.10 -2.11
CA ALA B 116 -32.88 -6.28 -3.01
C ALA B 116 -32.61 -7.77 -3.16
N PRO B 117 -33.55 -8.53 -3.77
CA PRO B 117 -33.46 -9.99 -3.81
C PRO B 117 -32.23 -10.48 -4.58
N ASN B 118 -31.62 -9.63 -5.41
CA ASN B 118 -30.52 -10.05 -6.29
C ASN B 118 -29.16 -9.82 -5.63
N VAL B 119 -29.14 -9.25 -4.44
CA VAL B 119 -27.85 -8.94 -3.78
CA VAL B 119 -27.88 -8.89 -3.73
C VAL B 119 -27.56 -10.06 -2.78
N GLU B 120 -26.30 -10.46 -2.71
CA GLU B 120 -25.82 -11.38 -1.66
C GLU B 120 -25.49 -10.59 -0.38
N ILE B 121 -25.55 -11.24 0.77
CA ILE B 121 -25.21 -10.58 2.06
C ILE B 121 -24.05 -11.32 2.71
N MET B 122 -23.22 -10.52 3.37
CA MET B 122 -22.04 -10.95 4.11
C MET B 122 -22.19 -10.54 5.57
N ALA B 123 -21.96 -11.49 6.46
CA ALA B 123 -22.00 -11.26 7.92
C ALA B 123 -20.60 -10.97 8.48
N ASP B 124 -20.39 -9.79 9.04
CA ASP B 124 -19.13 -9.44 9.75
C ASP B 124 -19.25 -9.92 11.20
N ILE B 125 -18.49 -10.93 11.62
CA ILE B 125 -18.68 -11.52 12.98
C ILE B 125 -17.39 -11.50 13.79
N ALA B 126 -17.50 -11.83 15.07
CA ALA B 126 -16.38 -11.77 16.04
C ALA B 126 -16.26 -13.11 16.76
N THR B 127 -17.32 -13.92 16.79
CA THR B 127 -17.33 -15.22 17.49
C THR B 127 -17.85 -16.35 16.58
N VAL B 128 -17.52 -17.58 16.98
CA VAL B 128 -17.98 -18.80 16.30
C VAL B 128 -19.49 -18.84 16.42
N GLU B 129 -20.04 -18.53 17.57
CA GLU B 129 -21.52 -18.67 17.68
C GLU B 129 -22.18 -17.57 16.87
N GLU B 130 -21.57 -16.40 16.71
CA GLU B 130 -22.15 -15.38 15.80
C GLU B 130 -22.09 -15.88 14.33
N ALA B 131 -21.06 -16.59 13.95
CA ALA B 131 -20.89 -17.21 12.61
C ALA B 131 -21.97 -18.27 12.39
N LYS B 132 -22.23 -19.10 13.39
CA LYS B 132 -23.28 -20.14 13.28
CA LYS B 132 -23.29 -20.12 13.32
C LYS B 132 -24.65 -19.45 13.14
N ASN B 133 -24.90 -18.39 13.89
CA ASN B 133 -26.20 -17.70 13.80
C ASN B 133 -26.37 -17.08 12.39
N ALA B 134 -25.30 -16.53 11.85
CA ALA B 134 -25.33 -15.92 10.52
C ALA B 134 -25.63 -16.99 9.44
N ALA B 135 -25.04 -18.18 9.56
CA ALA B 135 -25.29 -19.27 8.59
C ALA B 135 -26.77 -19.66 8.66
N ARG B 136 -27.35 -19.74 9.84
CA ARG B 136 -28.77 -20.09 10.01
C ARG B 136 -29.65 -19.03 9.34
N LEU B 137 -29.32 -17.75 9.48
CA LEU B 137 -30.07 -16.62 8.86
C LEU B 137 -29.93 -16.61 7.33
N GLY B 138 -29.10 -17.46 6.76
CA GLY B 138 -28.96 -17.59 5.30
C GLY B 138 -27.97 -16.59 4.75
N PHE B 139 -27.01 -16.13 5.54
CA PHE B 139 -25.99 -15.25 4.91
C PHE B 139 -25.22 -16.02 3.84
N ASP B 140 -24.87 -15.32 2.74
CA ASP B 140 -24.15 -15.96 1.61
C ASP B 140 -22.68 -16.06 1.98
N TYR B 141 -22.20 -15.09 2.74
CA TYR B 141 -20.80 -15.14 3.19
C TYR B 141 -20.70 -14.80 4.67
N ILE B 142 -19.74 -15.42 5.33
N ILE B 142 -19.71 -15.41 5.32
CA ILE B 142 -19.47 -15.10 6.75
CA ILE B 142 -19.39 -15.26 6.78
C ILE B 142 -18.01 -14.68 6.88
C ILE B 142 -17.96 -14.72 6.92
N GLY B 143 -17.78 -13.46 7.34
CA GLY B 143 -16.44 -12.88 7.46
C GLY B 143 -15.99 -12.74 8.89
N THR B 144 -14.69 -12.87 9.10
CA THR B 144 -14.04 -12.76 10.44
C THR B 144 -13.75 -11.29 10.80
N THR B 145 -14.37 -10.32 10.12
CA THR B 145 -14.03 -8.90 10.14
C THR B 145 -13.95 -8.29 11.54
N LEU B 146 -14.84 -8.66 12.47
CA LEU B 146 -14.90 -7.99 13.79
C LEU B 146 -14.14 -8.80 14.87
N HIS B 147 -13.50 -9.92 14.53
CA HIS B 147 -12.70 -10.70 15.51
C HIS B 147 -11.55 -9.83 16.06
N GLY B 148 -11.63 -9.42 17.32
CA GLY B 148 -10.68 -8.51 17.97
C GLY B 148 -11.13 -7.09 17.96
N TYR B 149 -12.27 -6.81 17.38
CA TYR B 149 -12.76 -5.44 17.24
C TYR B 149 -14.11 -5.25 17.91
N THR B 150 -14.43 -6.10 18.87
CA THR B 150 -15.56 -5.84 19.80
C THR B 150 -15.02 -5.84 21.23
N SER B 151 -15.81 -5.33 22.16
N SER B 151 -15.79 -5.28 22.17
CA SER B 151 -15.36 -5.20 23.57
CA SER B 151 -15.43 -5.20 23.62
C SER B 151 -15.17 -6.58 24.18
C SER B 151 -15.09 -6.61 24.12
N TYR B 152 -15.77 -7.62 23.59
CA TYR B 152 -15.77 -8.99 24.12
C TYR B 152 -14.73 -9.88 23.42
N THR B 153 -14.00 -9.33 22.41
CA THR B 153 -12.92 -10.11 21.77
C THR B 153 -11.59 -9.34 21.81
N GLN B 154 -11.39 -8.44 22.78
CA GLN B 154 -10.16 -7.61 22.88
C GLN B 154 -8.93 -8.51 23.08
N GLY B 155 -7.85 -8.17 22.38
CA GLY B 155 -6.57 -8.90 22.46
C GLY B 155 -6.52 -10.04 21.43
N GLN B 156 -7.65 -10.39 20.83
CA GLN B 156 -7.71 -11.52 19.87
C GLN B 156 -7.43 -10.99 18.47
N LEU B 157 -6.71 -11.80 17.72
CA LEU B 157 -6.28 -11.47 16.33
C LEU B 157 -6.42 -12.74 15.51
N LEU B 158 -6.84 -12.62 14.26
CA LEU B 158 -7.15 -13.79 13.42
C LEU B 158 -6.01 -14.81 13.33
N TYR B 159 -4.76 -14.37 13.25
CA TYR B 159 -3.58 -15.23 12.99
C TYR B 159 -3.12 -15.96 14.26
N GLN B 160 -3.68 -15.66 15.42
CA GLN B 160 -3.17 -16.25 16.70
C GLN B 160 -3.31 -17.76 16.67
N ASN B 161 -2.32 -18.48 17.21
CA ASN B 161 -2.39 -19.95 17.32
C ASN B 161 -2.68 -20.59 15.97
N ASP B 162 -1.91 -20.24 14.95
CA ASP B 162 -2.05 -20.75 13.57
C ASP B 162 -3.53 -20.69 13.15
N PHE B 163 -4.15 -19.53 13.30
CA PHE B 163 -5.50 -19.23 12.77
C PHE B 163 -6.56 -20.10 13.46
N GLN B 164 -6.40 -20.43 14.75
CA GLN B 164 -7.34 -21.32 15.43
C GLN B 164 -8.76 -20.80 15.31
N PHE B 165 -9.00 -19.48 15.50
CA PHE B 165 -10.37 -18.94 15.38
C PHE B 165 -10.94 -19.26 14.01
N LEU B 166 -10.16 -19.05 12.95
CA LEU B 166 -10.65 -19.35 11.58
C LEU B 166 -10.94 -20.82 11.41
N LYS B 167 -10.08 -21.72 11.89
CA LYS B 167 -10.32 -23.17 11.81
C LYS B 167 -11.65 -23.49 12.49
N ASP B 168 -11.94 -22.89 13.62
CA ASP B 168 -13.19 -23.15 14.39
C ASP B 168 -14.39 -22.66 13.56
N VAL B 169 -14.30 -21.46 12.97
CA VAL B 169 -15.41 -20.95 12.11
C VAL B 169 -15.62 -21.93 10.94
N LEU B 170 -14.58 -22.32 10.21
CA LEU B 170 -14.63 -23.26 9.06
C LEU B 170 -15.29 -24.58 9.46
N GLN B 171 -14.99 -25.10 10.65
CA GLN B 171 -15.57 -26.36 11.17
C GLN B 171 -17.05 -26.17 11.51
N SER B 172 -17.48 -24.96 11.88
N SER B 172 -17.46 -24.96 11.92
N SER B 172 -17.44 -24.95 11.90
CA SER B 172 -18.82 -24.73 12.51
CA SER B 172 -18.80 -24.69 12.50
CA SER B 172 -18.73 -24.59 12.52
C SER B 172 -19.88 -24.35 11.48
C SER B 172 -19.86 -24.50 11.42
C SER B 172 -19.84 -24.44 11.46
N VAL B 173 -19.51 -23.96 10.26
CA VAL B 173 -20.52 -23.59 9.23
C VAL B 173 -20.18 -24.17 7.87
N ASP B 174 -21.22 -24.39 7.07
CA ASP B 174 -21.09 -24.95 5.69
C ASP B 174 -21.16 -23.79 4.67
N ALA B 175 -21.54 -22.61 5.11
CA ALA B 175 -21.52 -21.38 4.30
C ALA B 175 -20.09 -20.92 3.97
N LYS B 176 -20.02 -20.12 2.92
CA LYS B 176 -18.72 -19.60 2.42
CA LYS B 176 -18.72 -19.60 2.42
C LYS B 176 -18.10 -18.67 3.46
N VAL B 177 -16.88 -18.97 3.85
CA VAL B 177 -16.20 -18.19 4.90
C VAL B 177 -15.17 -17.28 4.26
N ILE B 178 -15.13 -16.04 4.72
CA ILE B 178 -14.14 -15.05 4.24
C ILE B 178 -13.17 -14.74 5.36
N ALA B 179 -11.89 -14.90 5.12
CA ALA B 179 -10.85 -14.41 6.06
C ALA B 179 -10.68 -12.91 5.88
N GLU B 180 -11.13 -12.14 6.84
CA GLU B 180 -11.06 -10.66 6.81
C GLU B 180 -10.63 -10.11 8.15
N GLY B 181 -9.65 -9.24 8.11
CA GLY B 181 -9.11 -8.57 9.30
C GLY B 181 -7.83 -9.25 9.69
N ASN B 182 -6.71 -8.51 9.64
CA ASN B 182 -5.40 -9.00 10.08
C ASN B 182 -4.87 -10.12 9.19
N VAL B 183 -5.17 -10.08 7.88
CA VAL B 183 -4.42 -10.88 6.89
C VAL B 183 -3.36 -9.95 6.38
N ILE B 184 -2.17 -10.00 6.96
CA ILE B 184 -1.14 -8.93 6.95
C ILE B 184 -0.11 -9.20 5.85
N THR B 185 0.10 -10.46 5.49
CA THR B 185 1.20 -10.88 4.57
C THR B 185 0.73 -11.89 3.56
N PRO B 186 1.43 -12.01 2.42
CA PRO B 186 1.16 -13.08 1.47
C PRO B 186 1.16 -14.46 2.14
N ASP B 187 2.08 -14.70 3.05
CA ASP B 187 2.17 -16.00 3.80
C ASP B 187 0.83 -16.26 4.53
N MET B 188 0.26 -15.25 5.14
CA MET B 188 -1.03 -15.42 5.88
C MET B 188 -2.14 -15.67 4.88
N TYR B 189 -2.12 -14.95 3.74
CA TYR B 189 -3.17 -15.14 2.70
C TYR B 189 -3.11 -16.60 2.22
N LYS B 190 -1.92 -17.11 1.92
N LYS B 190 -1.90 -17.09 1.94
CA LYS B 190 -1.77 -18.52 1.50
CA LYS B 190 -1.69 -18.51 1.51
C LYS B 190 -2.29 -19.45 2.59
C LYS B 190 -2.26 -19.46 2.56
N ARG B 191 -1.96 -19.20 3.84
CA ARG B 191 -2.39 -20.06 4.96
C ARG B 191 -3.93 -20.10 5.04
N VAL B 192 -4.60 -18.97 4.95
CA VAL B 192 -6.08 -18.95 5.14
C VAL B 192 -6.71 -19.62 3.92
N MET B 193 -6.20 -19.42 2.70
CA MET B 193 -6.70 -20.11 1.50
C MET B 193 -6.49 -21.61 1.65
N ASP B 194 -5.35 -22.05 2.16
CA ASP B 194 -5.08 -23.50 2.29
C ASP B 194 -6.02 -24.09 3.35
N LEU B 195 -6.42 -23.32 4.33
CA LEU B 195 -7.35 -23.81 5.39
C LEU B 195 -8.79 -23.95 4.87
N GLY B 196 -9.16 -23.32 3.74
CA GLY B 196 -10.41 -23.59 2.99
C GLY B 196 -11.38 -22.41 3.00
N VAL B 197 -10.89 -21.19 3.27
CA VAL B 197 -11.81 -20.04 3.10
C VAL B 197 -12.20 -19.92 1.62
N HIS B 198 -13.34 -19.33 1.36
CA HIS B 198 -13.81 -19.06 0.00
C HIS B 198 -12.93 -17.96 -0.61
N CYS B 199 -12.68 -16.91 0.14
CA CYS B 199 -11.80 -15.82 -0.33
C CYS B 199 -11.32 -15.04 0.88
N SER B 200 -10.37 -14.16 0.65
CA SER B 200 -9.79 -13.34 1.73
CA SER B 200 -9.75 -13.34 1.69
C SER B 200 -9.92 -11.88 1.31
N VAL B 201 -10.18 -11.04 2.29
CA VAL B 201 -10.21 -9.56 2.18
C VAL B 201 -8.98 -8.98 2.89
N VAL B 202 -8.21 -8.21 2.14
CA VAL B 202 -6.94 -7.59 2.59
C VAL B 202 -7.10 -6.09 2.40
N GLY B 203 -7.05 -5.32 3.46
CA GLY B 203 -7.13 -3.86 3.43
C GLY B 203 -5.79 -3.24 3.76
N GLY B 204 -5.48 -3.15 5.05
CA GLY B 204 -4.35 -2.37 5.56
C GLY B 204 -3.04 -2.76 4.90
N ALA B 205 -2.83 -4.03 4.51
CA ALA B 205 -1.54 -4.49 3.98
C ALA B 205 -1.38 -3.99 2.54
N ILE B 206 -2.44 -3.52 1.91
CA ILE B 206 -2.36 -3.06 0.49
C ILE B 206 -2.67 -1.58 0.35
N THR B 207 -3.68 -1.10 1.05
CA THR B 207 -4.27 0.24 0.79
C THR B 207 -4.12 1.24 1.93
N ARG B 208 -3.42 0.89 3.02
CA ARG B 208 -3.18 1.86 4.11
CA ARG B 208 -3.19 1.85 4.12
C ARG B 208 -1.68 2.04 4.29
N PRO B 209 -1.05 2.90 3.47
CA PRO B 209 0.39 3.14 3.60
C PRO B 209 0.87 3.53 5.00
N LYS B 210 0.07 4.19 5.85
CA LYS B 210 0.50 4.51 7.23
C LYS B 210 0.73 3.21 7.99
N GLU B 211 -0.14 2.23 7.81
CA GLU B 211 -0.06 0.97 8.58
C GLU B 211 1.11 0.13 8.05
N ILE B 212 1.37 0.18 6.74
CA ILE B 212 2.51 -0.60 6.19
C ILE B 212 3.80 0.07 6.66
N THR B 213 3.86 1.39 6.62
CA THR B 213 5.04 2.13 7.10
C THR B 213 5.31 1.74 8.55
N LYS B 214 4.27 1.67 9.36
CA LYS B 214 4.45 1.32 10.79
CA LYS B 214 4.42 1.31 10.80
C LYS B 214 5.10 -0.05 10.93
N ARG B 215 4.78 -1.03 10.08
N ARG B 215 4.77 -1.04 10.09
CA ARG B 215 5.33 -2.40 10.18
CA ARG B 215 5.37 -2.40 10.19
C ARG B 215 6.82 -2.37 9.79
C ARG B 215 6.85 -2.30 9.86
N PHE B 216 7.21 -1.48 8.87
CA PHE B 216 8.65 -1.30 8.56
C PHE B 216 9.38 -0.68 9.74
N VAL B 217 8.85 0.41 10.26
CA VAL B 217 9.51 1.17 11.35
C VAL B 217 9.60 0.27 12.58
N GLN B 218 8.55 -0.48 12.88
CA GLN B 218 8.48 -1.37 14.09
C GLN B 218 9.59 -2.44 14.09
N ILE B 219 10.07 -2.87 12.92
CA ILE B 219 11.09 -3.97 12.86
C ILE B 219 12.40 -3.47 13.49
N MET B 220 12.59 -2.16 13.57
CA MET B 220 13.81 -1.49 14.10
C MET B 220 13.68 -1.18 15.58
N GLU B 221 12.50 -1.37 16.17
CA GLU B 221 12.23 -0.89 17.55
C GLU B 221 12.11 -2.11 18.48
N ASP B 222 12.49 -3.29 18.02
CA ASP B 222 12.37 -4.57 18.79
C ASP B 222 13.77 -5.06 19.19
#